data_4C0G
#
_entry.id   4C0G
#
_cell.length_a   52.300
_cell.length_b   97.570
_cell.length_c   141.530
_cell.angle_alpha   90.00
_cell.angle_beta   90.00
_cell.angle_gamma   90.00
#
_symmetry.space_group_name_H-M   'P 21 21 21'
#
loop_
_entity.id
_entity.type
_entity.pdbx_description
1 polymer 'CCR4-NOT TRANSCRIPTION COMPLEX SUBUNIT 3'
2 water water
#
_entity_poly.entity_id   1
_entity_poly.type   'polypeptide(L)'
_entity_poly.pdbx_seq_one_letter_code
;GA(MSE)AHSDTVEFYQRLSTETLFFIFYYLEGTKAQYLAAKALKKQSWRFHTKY(MSE)(MSE)WFQRHEEPKTITDEF
EQGTYIYFDYEKWGQRKKEGFTFEYRYLEDRDLQ
;
_entity_poly.pdbx_strand_id   A,B,C,D,E,F
#
# COMPACT_ATOMS: atom_id res chain seq x y z
N THR A 8 4.91 3.77 24.03
CA THR A 8 5.32 3.26 25.33
C THR A 8 5.35 4.39 26.36
N VAL A 9 5.50 4.03 27.63
CA VAL A 9 5.46 5.01 28.71
C VAL A 9 6.82 5.66 28.94
N GLU A 10 7.90 4.92 28.68
CA GLU A 10 9.24 5.42 28.97
C GLU A 10 9.69 6.47 27.97
N PHE A 11 9.13 6.44 26.77
CA PHE A 11 9.50 7.40 25.73
C PHE A 11 9.15 8.82 26.17
N TYR A 12 7.87 9.02 26.51
CA TYR A 12 7.40 10.33 26.93
C TYR A 12 8.18 10.81 28.16
N GLN A 13 8.74 9.86 28.89
CA GLN A 13 9.59 10.16 30.03
C GLN A 13 10.81 10.96 29.57
N ARG A 14 11.35 10.60 28.41
CA ARG A 14 12.53 11.26 27.86
C ARG A 14 12.24 12.69 27.40
N LEU A 15 11.08 12.87 26.77
CA LEU A 15 10.74 14.14 26.15
C LEU A 15 10.92 15.30 27.11
N SER A 16 11.34 16.44 26.58
CA SER A 16 11.44 17.65 27.38
C SER A 16 10.05 17.98 27.90
N THR A 17 9.98 18.78 28.95
CA THR A 17 8.71 19.17 29.52
C THR A 17 7.90 20.00 28.51
N GLU A 18 8.58 20.90 27.82
CA GLU A 18 7.93 21.75 26.84
C GLU A 18 7.27 20.93 25.74
N THR A 19 7.85 19.78 25.41
CA THR A 19 7.27 18.90 24.42
C THR A 19 6.02 18.21 24.98
N LEU A 20 6.07 17.82 26.24
CA LEU A 20 4.93 17.21 26.89
C LEU A 20 3.76 18.19 26.93
N PHE A 21 4.05 19.44 27.21
CA PHE A 21 3.01 20.47 27.26
C PHE A 21 2.35 20.63 25.89
N PHE A 22 3.15 20.73 24.83
CA PHE A 22 2.61 20.84 23.49
C PHE A 22 1.68 19.68 23.19
N ILE A 23 2.15 18.47 23.46
CA ILE A 23 1.35 17.27 23.25
C ILE A 23 0.04 17.37 24.02
N PHE A 24 0.14 17.83 25.27
CA PHE A 24 -1.02 17.87 26.16
C PHE A 24 -2.07 18.87 25.72
N TYR A 25 -1.63 20.02 25.21
CA TYR A 25 -2.57 21.10 24.89
C TYR A 25 -3.08 21.05 23.45
N TYR A 26 -2.34 20.41 22.55
CA TYR A 26 -2.67 20.49 21.12
C TYR A 26 -3.06 19.17 20.48
N LEU A 27 -2.87 18.06 21.18
CA LEU A 27 -3.34 16.78 20.71
C LEU A 27 -4.33 16.17 21.71
N GLU A 28 -5.48 16.81 21.85
CA GLU A 28 -6.47 16.39 22.83
C GLU A 28 -7.18 15.11 22.43
N GLY A 29 -7.65 14.37 23.43
CA GLY A 29 -8.37 13.13 23.20
C GLY A 29 -7.57 12.16 22.38
N THR A 30 -6.27 12.08 22.66
CA THR A 30 -5.38 11.15 21.98
C THR A 30 -4.55 10.39 22.98
N LYS A 31 -4.02 9.26 22.57
CA LYS A 31 -3.17 8.46 23.43
C LYS A 31 -2.01 9.34 23.91
N ALA A 32 -1.33 9.98 22.96
CA ALA A 32 -0.15 10.77 23.26
C ALA A 32 -0.37 11.71 24.45
N GLN A 33 -1.48 12.45 24.44
CA GLN A 33 -1.80 13.34 25.54
C GLN A 33 -1.85 12.56 26.86
N TYR A 34 -2.49 11.40 26.80
CA TYR A 34 -2.70 10.57 27.97
C TYR A 34 -1.38 10.20 28.66
N LEU A 35 -0.37 9.85 27.87
CA LEU A 35 0.93 9.45 28.42
C LEU A 35 1.77 10.66 28.80
N ALA A 36 1.51 11.79 28.16
CA ALA A 36 2.21 13.02 28.51
C ALA A 36 1.77 13.46 29.90
N ALA A 37 0.46 13.43 30.13
CA ALA A 37 -0.11 13.78 31.42
C ALA A 37 0.57 12.99 32.54
N LYS A 38 0.72 11.69 32.34
CA LYS A 38 1.34 10.84 33.35
C LYS A 38 2.84 11.09 33.45
N ALA A 39 3.49 11.30 32.31
CA ALA A 39 4.91 11.59 32.29
C ALA A 39 5.17 12.80 33.18
N LEU A 40 4.31 13.80 33.06
CA LEU A 40 4.43 15.02 33.83
C LEU A 40 4.21 14.78 35.32
N LYS A 41 3.17 14.02 35.65
CA LYS A 41 2.88 13.69 37.04
C LYS A 41 4.08 13.04 37.71
N LYS A 42 4.75 12.15 36.99
CA LYS A 42 5.92 11.46 37.54
C LYS A 42 7.07 12.43 37.76
N GLN A 43 7.05 13.55 37.04
CA GLN A 43 8.03 14.61 37.23
C GLN A 43 7.56 15.60 38.30
N SER A 44 6.49 15.23 39.01
CA SER A 44 5.98 16.01 40.12
C SER A 44 5.27 17.30 39.68
N TRP A 45 4.72 17.27 38.47
CA TRP A 45 3.82 18.33 38.02
C TRP A 45 2.40 17.92 38.36
N ARG A 46 1.57 18.87 38.76
CA ARG A 46 0.17 18.59 39.00
C ARG A 46 -0.71 19.57 38.23
N PHE A 47 -1.86 19.09 37.76
CA PHE A 47 -2.76 19.90 36.94
C PHE A 47 -3.80 20.64 37.79
N HIS A 48 -3.80 21.96 37.67
CA HIS A 48 -4.81 22.80 38.31
C HIS A 48 -6.04 22.85 37.42
N THR A 49 -7.10 22.16 37.83
CA THR A 49 -8.26 21.93 36.98
C THR A 49 -9.06 23.20 36.67
N LYS A 50 -8.74 24.29 37.36
CA LYS A 50 -9.40 25.57 37.10
C LYS A 50 -8.55 26.49 36.23
N TYR A 51 -7.37 26.84 36.71
CA TYR A 51 -6.43 27.64 35.94
C TYR A 51 -6.03 26.93 34.65
N TRP A 54 -0.23 23.46 34.48
CA TRP A 54 0.57 22.53 35.28
C TRP A 54 1.48 23.27 36.25
N PHE A 55 1.47 22.83 37.50
CA PHE A 55 2.27 23.44 38.56
C PHE A 55 3.29 22.45 39.09
N GLN A 56 4.36 22.97 39.68
CA GLN A 56 5.36 22.15 40.34
C GLN A 56 5.98 22.97 41.47
N ARG A 57 6.01 22.38 42.67
CA ARG A 57 6.63 23.05 43.81
C ARG A 57 8.03 23.53 43.46
N HIS A 58 8.29 24.82 43.68
CA HIS A 58 9.62 25.37 43.48
C HIS A 58 10.48 24.98 44.67
N GLU A 59 9.91 25.13 45.86
CA GLU A 59 10.55 24.69 47.09
C GLU A 59 9.46 24.14 48.01
N GLU A 60 9.82 23.81 49.25
CA GLU A 60 8.85 23.30 50.21
C GLU A 60 7.80 24.37 50.52
N PRO A 61 6.53 23.97 50.55
CA PRO A 61 5.47 24.94 50.86
C PRO A 61 5.65 25.58 52.23
N LYS A 62 5.01 26.72 52.44
CA LYS A 62 4.98 27.34 53.76
C LYS A 62 4.02 26.57 54.64
N THR A 63 2.75 26.54 54.22
CA THR A 63 1.70 25.87 54.99
C THR A 63 1.05 24.74 54.20
N ILE A 64 0.73 23.67 54.90
CA ILE A 64 -0.04 22.57 54.33
C ILE A 64 -1.13 22.11 55.30
N THR A 65 -2.38 22.20 54.86
CA THR A 65 -3.48 21.60 55.60
C THR A 65 -3.97 20.40 54.80
N ASP A 66 -5.11 19.84 55.19
CA ASP A 66 -5.68 18.71 54.47
C ASP A 66 -6.37 19.16 53.19
N GLU A 67 -6.64 20.47 53.09
CA GLU A 67 -7.42 20.99 51.98
C GLU A 67 -6.59 21.80 50.97
N PHE A 68 -5.47 22.36 51.42
CA PHE A 68 -4.65 23.17 50.52
C PHE A 68 -3.22 23.31 51.04
N GLU A 69 -2.36 23.83 50.16
CA GLU A 69 -1.00 24.21 50.53
C GLU A 69 -0.73 25.58 49.94
N GLN A 70 0.21 26.30 50.53
CA GLN A 70 0.62 27.58 49.97
C GLN A 70 2.14 27.67 49.95
N GLY A 71 2.67 28.31 48.92
CA GLY A 71 4.10 28.48 48.77
C GLY A 71 4.46 28.99 47.40
N THR A 72 5.66 28.64 46.94
CA THR A 72 6.16 29.11 45.66
C THR A 72 6.15 27.98 44.63
N TYR A 73 5.73 28.30 43.42
CA TYR A 73 5.62 27.32 42.36
C TYR A 73 6.10 27.88 41.02
N ILE A 74 6.58 26.98 40.15
CA ILE A 74 6.73 27.32 38.74
C ILE A 74 5.59 26.66 38.00
N TYR A 75 5.06 27.34 36.99
CA TYR A 75 3.95 26.81 36.21
C TYR A 75 4.16 27.14 34.74
N PHE A 76 3.49 26.38 33.87
CA PHE A 76 3.58 26.64 32.45
C PHE A 76 2.31 27.31 31.94
N ASP A 77 2.43 28.58 31.57
CA ASP A 77 1.31 29.34 31.07
C ASP A 77 1.20 29.11 29.56
N TYR A 78 0.15 28.40 29.16
CA TYR A 78 0.00 28.03 27.75
C TYR A 78 -0.39 29.23 26.89
N GLU A 79 -0.90 30.28 27.52
CA GLU A 79 -1.27 31.49 26.78
C GLU A 79 -0.01 32.26 26.37
N LYS A 80 0.99 32.27 27.23
CA LYS A 80 2.27 32.90 26.92
C LYS A 80 3.27 31.89 26.36
N TRP A 81 2.86 30.62 26.38
CA TRP A 81 3.75 29.50 26.08
C TRP A 81 5.14 29.67 26.70
N GLY A 82 5.18 29.69 28.03
CA GLY A 82 6.44 29.84 28.73
C GLY A 82 6.31 29.52 30.21
N GLN A 83 7.38 28.99 30.79
CA GLN A 83 7.40 28.67 32.20
C GLN A 83 7.51 29.94 33.02
N ARG A 84 6.63 30.08 34.01
CA ARG A 84 6.60 31.26 34.86
C ARG A 84 6.68 30.86 36.33
N LYS A 85 6.62 31.85 37.23
CA LYS A 85 6.78 31.59 38.65
C LYS A 85 5.81 32.42 39.48
N LYS A 86 5.26 31.81 40.53
CA LYS A 86 4.32 32.48 41.40
C LYS A 86 4.69 32.28 42.87
N GLU A 87 4.80 33.37 43.62
CA GLU A 87 5.06 33.30 45.05
C GLU A 87 3.75 33.52 45.81
N GLY A 88 3.72 33.05 47.06
CA GLY A 88 2.54 33.21 47.90
C GLY A 88 1.27 32.73 47.21
N PHE A 89 1.36 31.58 46.56
CA PHE A 89 0.21 31.01 45.86
C PHE A 89 -0.46 29.94 46.71
N THR A 90 -1.79 29.89 46.63
CA THR A 90 -2.56 28.89 47.35
C THR A 90 -3.09 27.84 46.38
N PHE A 91 -2.55 26.64 46.48
CA PHE A 91 -3.03 25.53 45.65
C PHE A 91 -4.09 24.73 46.43
N GLU A 92 -5.35 24.99 46.14
CA GLU A 92 -6.45 24.28 46.78
C GLU A 92 -6.59 22.89 46.17
N TYR A 93 -6.57 21.87 47.02
CA TYR A 93 -6.59 20.49 46.57
C TYR A 93 -7.89 20.09 45.84
N ARG A 94 -8.95 20.87 46.02
CA ARG A 94 -10.20 20.57 45.34
C ARG A 94 -10.07 20.84 43.85
N TYR A 95 -9.04 21.60 43.48
CA TYR A 95 -8.73 21.83 42.08
C TYR A 95 -7.71 20.81 41.58
N LEU A 96 -7.54 19.74 42.36
CA LEU A 96 -6.63 18.67 42.00
C LEU A 96 -7.43 17.53 41.38
N GLU A 97 -6.78 16.74 40.52
CA GLU A 97 -7.46 15.62 39.88
C GLU A 97 -7.34 14.34 40.70
N ALA B 4 -19.97 -13.58 -8.77
CA ALA B 4 -20.45 -13.00 -10.01
C ALA B 4 -21.64 -13.78 -10.56
N HIS B 5 -22.02 -13.47 -11.80
CA HIS B 5 -23.17 -14.10 -12.45
C HIS B 5 -22.72 -15.35 -13.17
N SER B 6 -23.37 -16.49 -12.89
CA SER B 6 -23.01 -17.78 -13.49
C SER B 6 -23.06 -17.73 -15.02
N ASP B 7 -23.87 -16.83 -15.56
CA ASP B 7 -23.97 -16.64 -17.02
C ASP B 7 -22.64 -16.12 -17.58
N THR B 8 -21.89 -15.43 -16.71
CA THR B 8 -20.62 -14.82 -17.10
C THR B 8 -19.46 -15.82 -17.01
N VAL B 9 -18.47 -15.64 -17.88
CA VAL B 9 -17.25 -16.43 -17.84
C VAL B 9 -16.38 -15.97 -16.67
N GLU B 10 -16.63 -14.74 -16.21
CA GLU B 10 -15.85 -14.14 -15.14
C GLU B 10 -16.11 -14.88 -13.83
N PHE B 11 -17.25 -15.58 -13.78
CA PHE B 11 -17.66 -16.32 -12.59
C PHE B 11 -16.84 -17.59 -12.44
N TYR B 12 -16.55 -18.24 -13.56
CA TYR B 12 -15.80 -19.48 -13.55
C TYR B 12 -14.32 -19.25 -13.31
N GLN B 13 -13.86 -18.02 -13.56
CA GLN B 13 -12.47 -17.66 -13.30
C GLN B 13 -12.19 -17.60 -11.80
N ARG B 14 -13.25 -17.55 -11.00
CA ARG B 14 -13.13 -17.52 -9.55
C ARG B 14 -12.88 -18.91 -8.97
N LEU B 15 -13.25 -19.94 -9.72
CA LEU B 15 -13.26 -21.30 -9.21
C LEU B 15 -11.89 -21.97 -9.36
N SER B 16 -11.66 -23.00 -8.55
CA SER B 16 -10.40 -23.74 -8.61
C SER B 16 -10.34 -24.57 -9.88
N THR B 17 -9.14 -24.92 -10.29
CA THR B 17 -8.96 -25.72 -11.51
C THR B 17 -9.70 -27.04 -11.43
N GLU B 18 -9.59 -27.72 -10.29
CA GLU B 18 -10.23 -29.02 -10.10
C GLU B 18 -11.74 -28.90 -10.27
N THR B 19 -12.29 -27.77 -9.83
CA THR B 19 -13.72 -27.53 -9.95
C THR B 19 -14.12 -27.35 -11.42
N LEU B 20 -13.29 -26.62 -12.17
CA LEU B 20 -13.54 -26.42 -13.59
C LEU B 20 -13.52 -27.76 -14.32
N PHE B 21 -12.57 -28.62 -13.95
CA PHE B 21 -12.53 -29.96 -14.52
C PHE B 21 -13.82 -30.71 -14.19
N PHE B 22 -14.24 -30.65 -12.93
CA PHE B 22 -15.48 -31.32 -12.53
C PHE B 22 -16.64 -30.85 -13.39
N ILE B 23 -16.79 -29.53 -13.51
CA ILE B 23 -17.86 -28.96 -14.30
C ILE B 23 -17.79 -29.44 -15.73
N PHE B 24 -16.57 -29.55 -16.26
CA PHE B 24 -16.37 -29.94 -17.64
C PHE B 24 -16.77 -31.39 -17.89
N TYR B 25 -16.42 -32.28 -16.96
CA TYR B 25 -16.61 -33.71 -17.16
C TYR B 25 -17.98 -34.23 -16.72
N TYR B 26 -18.64 -33.53 -15.81
CA TYR B 26 -19.86 -34.05 -15.21
C TYR B 26 -21.10 -33.21 -15.49
N LEU B 27 -20.92 -32.01 -16.02
CA LEU B 27 -22.03 -31.23 -16.55
C LEU B 27 -21.88 -31.12 -18.06
N GLU B 28 -22.12 -32.22 -18.76
CA GLU B 28 -21.95 -32.27 -20.21
C GLU B 28 -23.07 -31.55 -20.94
N GLY B 29 -22.71 -30.87 -22.03
CA GLY B 29 -23.68 -30.28 -22.93
C GLY B 29 -24.25 -28.95 -22.46
N THR B 30 -24.12 -28.66 -21.17
CA THR B 30 -24.63 -27.42 -20.62
C THR B 30 -23.70 -26.26 -20.96
N LYS B 31 -24.16 -25.03 -20.70
CA LYS B 31 -23.36 -23.85 -20.97
C LYS B 31 -22.20 -23.76 -19.99
N ALA B 32 -22.42 -24.25 -18.77
CA ALA B 32 -21.41 -24.22 -17.73
C ALA B 32 -20.11 -24.87 -18.21
N GLN B 33 -20.25 -25.96 -18.96
CA GLN B 33 -19.08 -26.65 -19.50
C GLN B 33 -18.32 -25.73 -20.43
N TYR B 34 -19.07 -25.06 -21.31
CA TYR B 34 -18.49 -24.16 -22.30
C TYR B 34 -17.70 -23.03 -21.64
N LEU B 35 -18.29 -22.44 -20.61
CA LEU B 35 -17.64 -21.35 -19.89
C LEU B 35 -16.45 -21.86 -19.09
N ALA B 36 -16.58 -23.05 -18.53
CA ALA B 36 -15.50 -23.67 -17.78
C ALA B 36 -14.30 -23.90 -18.69
N ALA B 37 -14.56 -24.44 -19.88
CA ALA B 37 -13.51 -24.65 -20.87
C ALA B 37 -12.76 -23.34 -21.15
N LYS B 38 -13.50 -22.26 -21.33
CA LYS B 38 -12.90 -20.96 -21.56
C LYS B 38 -12.00 -20.57 -20.40
N ALA B 39 -12.50 -20.75 -19.17
CA ALA B 39 -11.73 -20.42 -17.98
C ALA B 39 -10.42 -21.21 -17.98
N LEU B 40 -10.51 -22.49 -18.34
CA LEU B 40 -9.34 -23.35 -18.39
C LEU B 40 -8.32 -22.86 -19.42
N LYS B 41 -8.80 -22.49 -20.60
CA LYS B 41 -7.92 -22.03 -21.66
C LYS B 41 -7.18 -20.76 -21.25
N LYS B 42 -7.85 -19.90 -20.49
CA LYS B 42 -7.20 -18.70 -19.98
C LYS B 42 -6.04 -19.03 -19.05
N GLN B 43 -6.07 -20.23 -18.48
CA GLN B 43 -4.99 -20.70 -17.61
C GLN B 43 -3.98 -21.54 -18.38
N SER B 44 -4.07 -21.50 -19.71
CA SER B 44 -3.11 -22.16 -20.57
C SER B 44 -3.29 -23.68 -20.62
N TRP B 45 -4.43 -24.16 -20.13
CA TRP B 45 -4.81 -25.55 -20.34
C TRP B 45 -5.35 -25.71 -21.75
N ARG B 46 -5.03 -26.82 -22.40
CA ARG B 46 -5.55 -27.12 -23.74
C ARG B 46 -6.08 -28.53 -23.80
N PHE B 47 -7.15 -28.74 -24.55
CA PHE B 47 -7.83 -30.03 -24.58
C PHE B 47 -7.37 -30.91 -25.72
N HIS B 48 -6.82 -32.07 -25.37
CA HIS B 48 -6.43 -33.08 -26.34
C HIS B 48 -7.66 -33.94 -26.64
N THR B 49 -8.25 -33.75 -27.82
CA THR B 49 -9.54 -34.36 -28.15
C THR B 49 -9.53 -35.87 -28.03
N LYS B 50 -8.44 -36.48 -28.44
CA LYS B 50 -8.35 -37.93 -28.48
C LYS B 50 -8.26 -38.54 -27.07
N TYR B 51 -7.17 -38.25 -26.38
CA TYR B 51 -7.01 -38.69 -24.99
C TYR B 51 -8.14 -38.16 -24.11
N TRP B 54 -7.07 -32.77 -20.44
CA TRP B 54 -6.49 -31.44 -20.51
C TRP B 54 -4.99 -31.50 -20.24
N PHE B 55 -4.24 -30.68 -20.96
CA PHE B 55 -2.79 -30.62 -20.81
C PHE B 55 -2.34 -29.19 -20.58
N GLN B 56 -1.20 -29.04 -19.90
CA GLN B 56 -0.58 -27.74 -19.74
C GLN B 56 0.92 -27.90 -19.81
N ARG B 57 1.57 -27.00 -20.54
CA ARG B 57 3.03 -27.00 -20.62
C ARG B 57 3.61 -26.84 -19.22
N HIS B 58 4.48 -27.77 -18.83
CA HIS B 58 5.21 -27.66 -17.58
C HIS B 58 6.32 -26.64 -17.78
N GLU B 59 6.79 -26.53 -19.02
CA GLU B 59 7.85 -25.60 -19.37
C GLU B 59 8.00 -25.57 -20.88
N GLU B 60 8.82 -24.65 -21.39
CA GLU B 60 9.02 -24.50 -22.82
C GLU B 60 9.20 -25.84 -23.52
N PRO B 61 8.35 -26.13 -24.52
CA PRO B 61 8.49 -27.34 -25.34
C PRO B 61 9.89 -27.46 -25.93
N LYS B 62 10.38 -28.68 -26.10
CA LYS B 62 11.72 -28.86 -26.64
C LYS B 62 11.76 -28.63 -28.14
N THR B 63 10.64 -28.89 -28.81
CA THR B 63 10.55 -28.66 -30.25
C THR B 63 9.12 -28.25 -30.63
N ILE B 64 9.01 -27.28 -31.54
CA ILE B 64 7.71 -26.87 -32.05
C ILE B 64 7.74 -26.80 -33.58
N THR B 65 6.90 -27.63 -34.21
CA THR B 65 6.76 -27.64 -35.65
C THR B 65 5.34 -27.21 -36.01
N ASP B 66 4.94 -27.43 -37.25
CA ASP B 66 3.58 -27.13 -37.68
C ASP B 66 2.62 -28.23 -37.28
N GLU B 67 3.16 -29.43 -37.11
CA GLU B 67 2.33 -30.60 -36.82
C GLU B 67 2.19 -30.89 -35.33
N PHE B 68 3.22 -30.58 -34.54
CA PHE B 68 3.21 -30.94 -33.12
C PHE B 68 4.19 -30.12 -32.28
N GLU B 69 4.04 -30.23 -30.97
CA GLU B 69 5.06 -29.80 -30.02
C GLU B 69 5.37 -30.97 -29.10
N GLN B 70 6.62 -31.03 -28.64
CA GLN B 70 7.08 -32.16 -27.85
C GLN B 70 7.87 -31.67 -26.64
N GLY B 71 7.58 -32.24 -25.47
CA GLY B 71 8.27 -31.84 -24.26
C GLY B 71 7.58 -32.30 -22.99
N THR B 72 7.72 -31.51 -21.93
CA THR B 72 7.19 -31.86 -20.62
C THR B 72 5.86 -31.15 -20.37
N TYR B 73 4.84 -31.95 -20.02
CA TYR B 73 3.53 -31.39 -19.75
C TYR B 73 2.95 -31.96 -18.46
N ILE B 74 1.99 -31.24 -17.88
CA ILE B 74 1.16 -31.82 -16.84
C ILE B 74 -0.23 -31.97 -17.40
N TYR B 75 -0.93 -33.02 -16.99
CA TYR B 75 -2.27 -33.29 -17.46
C TYR B 75 -3.15 -33.71 -16.30
N PHE B 76 -4.46 -33.51 -16.44
CA PHE B 76 -5.40 -33.96 -15.43
C PHE B 76 -5.94 -35.33 -15.81
N ASP B 77 -5.48 -36.35 -15.09
CA ASP B 77 -5.98 -37.70 -15.28
C ASP B 77 -7.33 -37.81 -14.57
N TYR B 78 -8.40 -37.94 -15.35
CA TYR B 78 -9.74 -37.94 -14.78
C TYR B 78 -10.17 -39.33 -14.32
N GLU B 79 -9.35 -40.34 -14.62
CA GLU B 79 -9.60 -41.68 -14.11
C GLU B 79 -9.15 -41.76 -12.65
N LYS B 80 -8.04 -41.09 -12.36
CA LYS B 80 -7.53 -41.01 -10.99
C LYS B 80 -8.00 -39.72 -10.33
N TRP B 81 -8.50 -38.81 -11.16
CA TRP B 81 -8.91 -37.48 -10.71
C TRP B 81 -7.75 -36.73 -10.05
N GLY B 82 -6.66 -36.57 -10.78
CA GLY B 82 -5.51 -35.88 -10.26
C GLY B 82 -4.48 -35.51 -11.31
N GLN B 83 -3.80 -34.38 -11.10
CA GLN B 83 -2.72 -33.95 -11.98
C GLN B 83 -1.52 -34.88 -11.92
N ARG B 84 -0.86 -35.04 -13.06
CA ARG B 84 0.40 -35.76 -13.14
C ARG B 84 1.27 -35.13 -14.21
N LYS B 85 2.56 -35.46 -14.19
CA LYS B 85 3.51 -34.94 -15.15
C LYS B 85 3.88 -36.01 -16.17
N LYS B 86 3.93 -35.60 -17.44
CA LYS B 86 4.37 -36.48 -18.53
C LYS B 86 5.60 -35.91 -19.23
N GLU B 87 6.66 -36.70 -19.25
CA GLU B 87 7.90 -36.30 -19.93
C GLU B 87 7.94 -36.89 -21.33
N GLY B 88 8.66 -36.21 -22.23
CA GLY B 88 8.81 -36.67 -23.59
C GLY B 88 7.48 -36.98 -24.25
N PHE B 89 6.52 -36.10 -24.04
CA PHE B 89 5.20 -36.29 -24.63
C PHE B 89 5.08 -35.48 -25.92
N THR B 90 4.57 -36.13 -26.95
CA THR B 90 4.31 -35.46 -28.22
C THR B 90 2.83 -35.10 -28.34
N PHE B 91 2.55 -33.81 -28.44
CA PHE B 91 1.18 -33.32 -28.55
C PHE B 91 0.87 -32.99 -30.01
N GLU B 92 0.02 -33.82 -30.63
CA GLU B 92 -0.36 -33.63 -32.04
C GLU B 92 -1.34 -32.48 -32.16
N TYR B 93 -1.01 -31.50 -32.99
CA TYR B 93 -1.87 -30.34 -33.19
C TYR B 93 -3.21 -30.69 -33.86
N ARG B 94 -3.25 -31.81 -34.56
CA ARG B 94 -4.49 -32.26 -35.17
C ARG B 94 -5.52 -32.67 -34.11
N TYR B 95 -5.03 -32.99 -32.92
CA TYR B 95 -5.90 -33.35 -31.81
C TYR B 95 -6.18 -32.14 -30.93
N LEU B 96 -5.90 -30.96 -31.47
CA LEU B 96 -6.18 -29.70 -30.80
C LEU B 96 -7.32 -29.00 -31.56
N GLU B 97 -8.50 -28.93 -30.94
CA GLU B 97 -9.69 -28.44 -31.64
C GLU B 97 -9.51 -27.04 -32.24
N ASP B 98 -8.92 -26.14 -31.47
CA ASP B 98 -8.70 -24.77 -31.93
C ASP B 98 -7.34 -24.64 -32.58
N ARG B 99 -7.29 -23.92 -33.70
CA ARG B 99 -6.04 -23.67 -34.42
C ARG B 99 -5.22 -24.94 -34.63
N ASP B 100 -5.82 -25.93 -35.30
CA ASP B 100 -5.14 -27.18 -35.61
C ASP B 100 -3.76 -26.90 -36.19
N ALA C 4 17.98 -1.86 -19.36
CA ALA C 4 18.33 -0.68 -20.13
C ALA C 4 19.10 0.32 -19.27
N HIS C 5 19.29 1.54 -19.77
CA HIS C 5 20.12 2.52 -19.10
C HIS C 5 19.36 3.81 -18.79
N SER C 6 19.47 4.28 -17.56
CA SER C 6 18.83 5.54 -17.16
C SER C 6 19.38 6.69 -17.97
N ASP C 7 20.59 6.53 -18.49
CA ASP C 7 21.24 7.55 -19.30
C ASP C 7 20.77 7.53 -20.76
N THR C 8 20.32 6.37 -21.23
CA THR C 8 19.86 6.23 -22.61
C THR C 8 18.39 6.63 -22.76
N VAL C 9 18.05 7.22 -23.89
CA VAL C 9 16.69 7.71 -24.14
C VAL C 9 15.71 6.56 -24.34
N GLU C 10 16.24 5.37 -24.63
CA GLU C 10 15.42 4.19 -24.84
C GLU C 10 14.78 3.76 -23.52
N PHE C 11 15.35 4.25 -22.43
CA PHE C 11 14.86 3.97 -21.09
C PHE C 11 13.56 4.73 -20.81
N TYR C 12 13.43 5.91 -21.41
CA TYR C 12 12.28 6.78 -21.17
C TYR C 12 11.13 6.45 -22.12
N GLN C 13 11.46 5.82 -23.25
CA GLN C 13 10.45 5.36 -24.18
C GLN C 13 9.58 4.31 -23.52
N ARG C 14 10.13 3.63 -22.52
CA ARG C 14 9.43 2.60 -21.77
C ARG C 14 8.28 3.18 -20.96
N LEU C 15 8.44 4.42 -20.51
CA LEU C 15 7.55 5.02 -19.53
C LEU C 15 6.29 5.59 -20.16
N SER C 16 5.25 5.77 -19.33
CA SER C 16 3.99 6.33 -19.80
C SER C 16 4.14 7.83 -19.95
N THR C 17 3.21 8.44 -20.68
CA THR C 17 3.27 9.87 -20.95
C THR C 17 3.16 10.67 -19.64
N GLU C 18 2.23 10.25 -18.78
CA GLU C 18 2.04 10.94 -17.50
C GLU C 18 3.33 10.96 -16.70
N THR C 19 4.07 9.85 -16.74
CA THR C 19 5.34 9.74 -16.03
C THR C 19 6.36 10.73 -16.60
N LEU C 20 6.44 10.79 -17.93
CA LEU C 20 7.34 11.71 -18.60
C LEU C 20 7.03 13.14 -18.17
N PHE C 21 5.75 13.47 -18.09
CA PHE C 21 5.33 14.80 -17.63
C PHE C 21 5.81 15.03 -16.21
N PHE C 22 5.67 14.02 -15.35
CA PHE C 22 6.14 14.15 -13.97
C PHE C 22 7.63 14.44 -13.95
N ILE C 23 8.39 13.62 -14.67
CA ILE C 23 9.83 13.81 -14.77
C ILE C 23 10.16 15.23 -15.26
N PHE C 24 9.39 15.70 -16.22
CA PHE C 24 9.66 16.99 -16.85
C PHE C 24 9.43 18.17 -15.91
N TYR C 25 8.37 18.11 -15.11
CA TYR C 25 8.00 19.24 -14.27
C TYR C 25 8.66 19.24 -12.89
N TYR C 26 9.11 18.08 -12.43
CA TYR C 26 9.59 17.96 -11.05
C TYR C 26 11.03 17.50 -10.90
N LEU C 27 11.65 17.06 -11.99
CA LEU C 27 13.08 16.77 -11.99
C LEU C 27 13.78 17.83 -12.83
N GLU C 28 13.44 19.09 -12.58
CA GLU C 28 13.88 20.20 -13.42
C GLU C 28 15.40 20.36 -13.50
N GLY C 29 15.87 20.80 -14.65
CA GLY C 29 17.28 21.09 -14.87
C GLY C 29 18.17 19.87 -14.83
N THR C 30 17.58 18.69 -14.86
CA THR C 30 18.35 17.45 -14.84
C THR C 30 18.37 16.83 -16.24
N LYS C 31 19.29 15.90 -16.46
CA LYS C 31 19.38 15.22 -17.74
C LYS C 31 18.15 14.35 -17.97
N ALA C 32 17.60 13.82 -16.89
CA ALA C 32 16.39 13.00 -16.97
C ALA C 32 15.26 13.82 -17.58
N GLN C 33 15.15 15.07 -17.19
CA GLN C 33 14.15 15.98 -17.74
C GLN C 33 14.39 16.13 -19.24
N TYR C 34 15.64 16.39 -19.60
CA TYR C 34 16.02 16.56 -21.00
C TYR C 34 15.66 15.33 -21.82
N LEU C 35 15.91 14.15 -21.27
CA LEU C 35 15.60 12.90 -21.97
C LEU C 35 14.10 12.68 -22.07
N ALA C 36 13.36 13.06 -21.04
CA ALA C 36 11.91 12.94 -21.03
C ALA C 36 11.32 13.80 -22.15
N ALA C 37 11.75 15.06 -22.20
CA ALA C 37 11.29 15.99 -23.23
C ALA C 37 11.54 15.39 -24.61
N LYS C 38 12.70 14.77 -24.78
CA LYS C 38 13.02 14.12 -26.04
C LYS C 38 12.01 13.01 -26.34
N ALA C 39 11.76 12.15 -25.35
CA ALA C 39 10.81 11.05 -25.52
C ALA C 39 9.43 11.55 -25.92
N LEU C 40 9.00 12.64 -25.29
CA LEU C 40 7.70 13.23 -25.60
C LEU C 40 7.63 13.72 -27.04
N LYS C 41 8.64 14.46 -27.46
CA LYS C 41 8.68 14.99 -28.82
C LYS C 41 8.66 13.86 -29.83
N LYS C 42 9.31 12.75 -29.51
CA LYS C 42 9.28 11.58 -30.38
C LYS C 42 7.84 11.12 -30.58
N GLN C 43 7.01 11.34 -29.56
CA GLN C 43 5.60 10.98 -29.62
C GLN C 43 4.73 12.15 -30.05
N SER C 44 5.35 13.14 -30.70
CA SER C 44 4.62 14.23 -31.34
C SER C 44 4.00 15.22 -30.35
N TRP C 45 4.58 15.31 -29.16
CA TRP C 45 4.21 16.37 -28.22
C TRP C 45 5.16 17.55 -28.44
N ARG C 46 4.63 18.76 -28.38
CA ARG C 46 5.45 19.95 -28.53
C ARG C 46 5.20 20.94 -27.39
N PHE C 47 6.26 21.58 -26.93
CA PHE C 47 6.21 22.43 -25.75
C PHE C 47 5.95 23.89 -26.09
N HIS C 48 4.83 24.41 -25.60
CA HIS C 48 4.49 25.82 -25.75
C HIS C 48 5.23 26.60 -24.66
N THR C 49 6.24 27.37 -25.05
CA THR C 49 7.16 27.99 -24.10
C THR C 49 6.54 29.09 -23.24
N LYS C 50 5.36 29.55 -23.62
CA LYS C 50 4.64 30.56 -22.86
C LYS C 50 3.58 29.94 -21.96
N TYR C 51 2.68 29.17 -22.56
CA TYR C 51 1.70 28.40 -21.80
C TYR C 51 2.41 27.44 -20.86
N TRP C 54 2.47 21.04 -22.70
CA TRP C 54 2.72 20.20 -23.86
C TRP C 54 1.45 20.08 -24.69
N PHE C 55 1.61 20.15 -26.01
CA PHE C 55 0.50 20.08 -26.94
C PHE C 55 0.72 18.97 -27.95
N GLN C 56 -0.36 18.37 -28.41
CA GLN C 56 -0.31 17.34 -29.44
C GLN C 56 -1.50 17.51 -30.37
N ARG C 57 -1.25 17.45 -31.67
CA ARG C 57 -2.32 17.53 -32.66
C ARG C 57 -3.30 16.38 -32.45
N HIS C 58 -4.55 16.72 -32.20
CA HIS C 58 -5.60 15.71 -32.12
C HIS C 58 -5.93 15.26 -33.54
N GLU C 59 -5.67 16.15 -34.49
CA GLU C 59 -5.93 15.88 -35.91
C GLU C 59 -5.17 16.90 -36.75
N GLU C 60 -5.21 16.73 -38.07
CA GLU C 60 -4.57 17.68 -38.97
C GLU C 60 -5.12 19.08 -38.72
N PRO C 61 -4.23 20.06 -38.52
CA PRO C 61 -4.65 21.44 -38.26
C PRO C 61 -5.51 21.98 -39.41
N LYS C 62 -6.34 22.98 -39.12
CA LYS C 62 -7.20 23.56 -40.14
C LYS C 62 -6.40 24.49 -41.06
N THR C 63 -5.36 25.12 -40.52
CA THR C 63 -4.49 25.97 -41.32
C THR C 63 -3.06 25.95 -40.78
N ILE C 64 -2.11 25.87 -41.70
CA ILE C 64 -0.70 25.99 -41.34
C ILE C 64 -0.05 27.07 -42.20
N THR C 65 0.55 28.05 -41.55
CA THR C 65 1.29 29.10 -42.23
C THR C 65 2.69 29.16 -41.65
N ASP C 66 3.49 30.12 -42.10
CA ASP C 66 4.86 30.27 -41.61
C ASP C 66 4.90 30.66 -40.14
N GLU C 67 3.88 31.38 -39.68
CA GLU C 67 3.88 31.96 -38.35
C GLU C 67 3.14 31.12 -37.30
N PHE C 68 2.19 30.29 -37.74
CA PHE C 68 1.37 29.53 -36.80
C PHE C 68 0.60 28.39 -37.46
N GLU C 69 0.05 27.50 -36.62
CA GLU C 69 -0.91 26.51 -37.06
C GLU C 69 -2.12 26.59 -36.15
N GLN C 70 -3.29 26.22 -36.68
CA GLN C 70 -4.54 26.36 -35.95
C GLN C 70 -5.42 25.14 -36.12
N GLY C 71 -6.07 24.72 -35.05
CA GLY C 71 -6.96 23.57 -35.09
C GLY C 71 -7.24 22.99 -33.71
N THR C 72 -7.43 21.67 -33.68
CA THR C 72 -7.78 20.99 -32.44
C THR C 72 -6.58 20.28 -31.86
N TYR C 73 -6.32 20.52 -30.58
CA TYR C 73 -5.20 19.92 -29.88
C TYR C 73 -5.62 19.36 -28.53
N ILE C 74 -4.91 18.33 -28.08
CA ILE C 74 -4.99 17.92 -26.69
C ILE C 74 -3.74 18.42 -25.99
N TYR C 75 -3.90 18.88 -24.76
CA TYR C 75 -2.79 19.44 -23.99
C TYR C 75 -2.82 18.89 -22.57
N PHE C 76 -1.66 18.92 -21.92
CA PHE C 76 -1.57 18.45 -20.54
C PHE C 76 -1.54 19.63 -19.58
N ASP C 77 -2.68 19.90 -18.96
CA ASP C 77 -2.76 20.94 -17.93
C ASP C 77 -2.04 20.47 -16.68
N TYR C 78 -0.98 21.18 -16.31
CA TYR C 78 -0.17 20.80 -15.15
C TYR C 78 -0.88 21.13 -13.84
N GLU C 79 -1.80 22.08 -13.88
CA GLU C 79 -2.55 22.48 -12.69
C GLU C 79 -3.49 21.36 -12.24
N LYS C 80 -4.33 20.89 -13.17
CA LYS C 80 -5.27 19.81 -12.89
C LYS C 80 -4.60 18.46 -13.02
N TRP C 81 -3.38 18.44 -13.54
CA TRP C 81 -2.66 17.21 -13.78
C TRP C 81 -3.51 16.23 -14.59
N GLY C 82 -3.83 16.63 -15.82
CA GLY C 82 -4.66 15.81 -16.67
C GLY C 82 -4.66 16.23 -18.12
N GLN C 83 -5.09 15.34 -18.99
CA GLN C 83 -5.13 15.60 -20.42
C GLN C 83 -6.48 16.17 -20.81
N ARG C 84 -6.47 17.20 -21.65
CA ARG C 84 -7.71 17.86 -22.07
C ARG C 84 -7.63 18.30 -23.52
N LYS C 85 -8.80 18.47 -24.14
CA LYS C 85 -8.86 18.86 -25.55
C LYS C 85 -9.24 20.32 -25.70
N LYS C 86 -8.61 20.99 -26.66
CA LYS C 86 -8.89 22.39 -26.94
C LYS C 86 -9.16 22.55 -28.44
N GLU C 87 -10.31 23.14 -28.77
CA GLU C 87 -10.66 23.36 -30.16
C GLU C 87 -10.48 24.83 -30.55
N GLY C 88 -10.18 25.06 -31.82
CA GLY C 88 -9.98 26.41 -32.32
C GLY C 88 -8.77 27.08 -31.71
N PHE C 89 -7.73 26.29 -31.43
CA PHE C 89 -6.53 26.82 -30.81
C PHE C 89 -5.52 27.26 -31.86
N THR C 90 -4.81 28.35 -31.54
CA THR C 90 -3.76 28.87 -32.41
C THR C 90 -2.41 28.74 -31.72
N PHE C 91 -1.58 27.85 -32.26
CA PHE C 91 -0.24 27.63 -31.73
C PHE C 91 0.77 28.42 -32.56
N GLU C 92 1.20 29.57 -32.04
CA GLU C 92 2.17 30.41 -32.73
C GLU C 92 3.59 29.87 -32.57
N TYR C 93 4.29 29.75 -33.70
CA TYR C 93 5.60 29.10 -33.71
C TYR C 93 6.68 29.87 -32.94
N ARG C 94 6.49 31.17 -32.73
CA ARG C 94 7.43 31.94 -31.93
C ARG C 94 7.48 31.39 -30.51
N TYR C 95 6.39 30.75 -30.09
CA TYR C 95 6.31 30.15 -28.77
C TYR C 95 6.78 28.70 -28.77
N LEU C 96 7.09 28.17 -29.94
CA LEU C 96 7.58 26.80 -30.05
C LEU C 96 9.04 26.72 -29.64
N GLU C 97 9.35 25.74 -28.79
CA GLU C 97 10.71 25.56 -28.28
C GLU C 97 11.74 25.46 -29.41
N ASP C 98 11.41 24.73 -30.47
CA ASP C 98 12.32 24.57 -31.59
C ASP C 98 11.59 24.67 -32.93
N ARG C 99 12.03 25.58 -33.80
CA ARG C 99 11.38 25.75 -35.08
C ARG C 99 11.76 24.62 -36.04
N ALA D 4 -0.41 31.74 19.18
CA ALA D 4 -0.76 32.14 17.83
C ALA D 4 -1.58 31.06 17.14
N HIS D 5 -2.12 31.38 15.97
CA HIS D 5 -2.96 30.44 15.22
C HIS D 5 -2.15 29.20 14.84
N SER D 6 -2.69 28.03 15.18
CA SER D 6 -1.98 26.77 15.01
C SER D 6 -1.68 26.43 13.55
N ASP D 7 -2.33 27.13 12.62
CA ASP D 7 -2.19 26.80 11.20
C ASP D 7 -1.16 27.65 10.47
N THR D 8 -0.31 28.33 11.22
CA THR D 8 0.72 29.17 10.59
C THR D 8 2.12 28.75 11.02
N VAL D 9 3.13 29.26 10.32
CA VAL D 9 4.52 28.96 10.64
C VAL D 9 4.98 29.75 11.86
N GLU D 10 4.35 30.90 12.08
CA GLU D 10 4.65 31.74 13.23
C GLU D 10 4.35 31.01 14.53
N PHE D 11 3.55 29.96 14.45
CA PHE D 11 3.12 29.23 15.63
C PHE D 11 4.16 28.18 16.02
N TYR D 12 4.64 27.43 15.05
CA TYR D 12 5.63 26.39 15.30
C TYR D 12 7.00 27.02 15.56
N GLN D 13 7.12 28.31 15.24
CA GLN D 13 8.36 29.03 15.46
C GLN D 13 8.58 29.26 16.95
N ARG D 14 7.49 29.26 17.72
CA ARG D 14 7.58 29.46 19.17
C ARG D 14 8.01 28.20 19.91
N LEU D 15 7.89 27.05 19.26
CA LEU D 15 8.19 25.77 19.89
C LEU D 15 9.68 25.50 19.93
N SER D 16 10.10 24.60 20.82
CA SER D 16 11.50 24.21 20.91
C SER D 16 11.84 23.24 19.78
N THR D 17 13.12 23.10 19.50
CA THR D 17 13.58 22.23 18.42
C THR D 17 13.12 20.79 18.64
N GLU D 18 13.32 20.27 19.86
CA GLU D 18 12.95 18.89 20.14
C GLU D 18 11.47 18.66 19.87
N THR D 19 10.64 19.64 20.23
CA THR D 19 9.21 19.53 19.96
C THR D 19 8.99 19.46 18.46
N LEU D 20 9.67 20.31 17.71
CA LEU D 20 9.56 20.30 16.26
C LEU D 20 9.92 18.93 15.71
N PHE D 21 10.96 18.32 16.26
CA PHE D 21 11.36 16.97 15.86
C PHE D 21 10.25 15.98 16.18
N PHE D 22 9.65 16.09 17.36
CA PHE D 22 8.55 15.21 17.73
C PHE D 22 7.41 15.37 16.72
N ILE D 23 7.06 16.62 16.44
CA ILE D 23 6.00 16.91 15.48
C ILE D 23 6.34 16.29 14.13
N PHE D 24 7.61 16.38 13.75
CA PHE D 24 8.03 15.94 12.43
C PHE D 24 7.93 14.43 12.24
N TYR D 25 8.32 13.68 13.27
CA TYR D 25 8.38 12.23 13.16
C TYR D 25 7.10 11.52 13.57
N TYR D 26 6.30 12.13 14.44
CA TYR D 26 5.14 11.45 15.03
C TYR D 26 3.79 12.03 14.62
N LEU D 27 3.82 13.12 13.86
CA LEU D 27 2.60 13.63 13.23
C LEU D 27 2.78 13.60 11.72
N GLU D 28 3.31 12.47 11.25
CA GLU D 28 3.70 12.30 9.85
C GLU D 28 2.58 12.62 8.87
N GLY D 29 2.95 13.20 7.73
CA GLY D 29 2.03 13.48 6.65
C GLY D 29 0.89 14.41 7.01
N THR D 30 1.18 15.42 7.82
CA THR D 30 0.16 16.39 8.22
C THR D 30 0.67 17.81 7.98
N LYS D 31 -0.26 18.76 8.06
CA LYS D 31 0.07 20.17 7.88
C LYS D 31 1.06 20.62 8.94
N ALA D 32 0.86 20.13 10.17
CA ALA D 32 1.75 20.45 11.28
C ALA D 32 3.20 20.09 10.93
N GLN D 33 3.38 18.86 10.48
CA GLN D 33 4.72 18.35 10.14
C GLN D 33 5.40 19.26 9.13
N TYR D 34 4.64 19.74 8.17
CA TYR D 34 5.17 20.56 7.09
C TYR D 34 5.63 21.91 7.63
N LEU D 35 4.79 22.54 8.43
CA LEU D 35 5.12 23.83 9.02
C LEU D 35 6.27 23.69 10.01
N ALA D 36 6.36 22.52 10.64
CA ALA D 36 7.47 22.21 11.53
C ALA D 36 8.76 22.13 10.73
N ALA D 37 8.70 21.42 9.61
CA ALA D 37 9.84 21.30 8.72
C ALA D 37 10.35 22.69 8.35
N LYS D 38 9.41 23.56 8.00
CA LYS D 38 9.74 24.95 7.66
C LYS D 38 10.39 25.65 8.85
N ALA D 39 9.79 25.49 10.03
CA ALA D 39 10.32 26.11 11.24
C ALA D 39 11.79 25.73 11.44
N LEU D 40 12.11 24.47 11.19
CA LEU D 40 13.47 23.98 11.39
C LEU D 40 14.45 24.57 10.38
N LYS D 41 13.94 24.91 9.20
CA LYS D 41 14.81 25.40 8.13
C LYS D 41 15.31 26.82 8.39
N LYS D 42 14.54 27.64 9.12
CA LYS D 42 15.02 28.97 9.49
C LYS D 42 16.19 28.85 10.45
N GLN D 43 16.20 27.76 11.20
CA GLN D 43 17.23 27.54 12.21
C GLN D 43 18.45 26.89 11.59
N SER D 44 18.44 26.76 10.27
CA SER D 44 19.59 26.23 9.53
C SER D 44 19.75 24.73 9.72
N TRP D 45 18.64 24.06 10.05
CA TRP D 45 18.62 22.61 10.00
C TRP D 45 18.21 22.18 8.59
N ARG D 46 18.86 21.16 8.05
CA ARG D 46 18.50 20.64 6.73
C ARG D 46 18.30 19.13 6.80
N PHE D 47 17.33 18.63 6.05
CA PHE D 47 16.96 17.23 6.12
C PHE D 47 17.73 16.36 5.12
N HIS D 48 18.48 15.41 5.63
CA HIS D 48 19.20 14.46 4.80
C HIS D 48 18.26 13.31 4.45
N THR D 49 17.85 13.23 3.19
CA THR D 49 16.75 12.34 2.79
C THR D 49 17.10 10.85 2.80
N LYS D 50 18.38 10.51 2.78
CA LYS D 50 18.78 9.11 2.90
C LYS D 50 18.75 8.67 4.37
N TYR D 51 19.59 9.28 5.21
CA TYR D 51 19.59 9.01 6.65
C TYR D 51 18.25 9.41 7.26
N TRP D 54 17.85 15.18 10.59
CA TRP D 54 18.12 16.61 10.42
C TRP D 54 19.55 16.92 10.82
N PHE D 55 20.22 17.73 9.99
CA PHE D 55 21.59 18.15 10.25
C PHE D 55 21.69 19.66 10.40
N GLN D 56 22.70 20.10 11.12
CA GLN D 56 23.00 21.53 11.24
C GLN D 56 24.52 21.69 11.25
N ARG D 57 25.02 22.64 10.47
CA ARG D 57 26.44 22.94 10.49
C ARG D 57 26.86 23.32 11.90
N HIS D 58 27.89 22.66 12.42
CA HIS D 58 28.43 23.01 13.73
C HIS D 58 29.37 24.19 13.56
N GLU D 59 30.02 24.25 12.41
CA GLU D 59 30.92 25.33 12.07
C GLU D 59 31.00 25.40 10.54
N GLU D 60 31.78 26.35 10.03
CA GLU D 60 31.90 26.50 8.58
C GLU D 60 32.43 25.20 7.98
N PRO D 61 31.77 24.72 6.92
CA PRO D 61 32.24 23.49 6.27
C PRO D 61 33.68 23.64 5.79
N LYS D 62 34.38 22.54 5.68
CA LYS D 62 35.75 22.57 5.20
C LYS D 62 35.76 22.78 3.69
N THR D 63 35.05 21.90 2.97
CA THR D 63 35.01 21.96 1.52
C THR D 63 33.59 22.14 1.01
N ILE D 64 33.44 22.92 -0.05
CA ILE D 64 32.15 23.11 -0.69
C ILE D 64 32.27 23.05 -2.21
N THR D 65 31.53 22.15 -2.82
CA THR D 65 31.45 22.04 -4.27
C THR D 65 29.98 22.14 -4.69
N ASP D 66 29.68 21.83 -5.94
CA ASP D 66 28.32 21.90 -6.44
C ASP D 66 27.48 20.68 -6.02
N GLU D 67 28.15 19.54 -5.84
CA GLU D 67 27.47 18.30 -5.50
C GLU D 67 27.45 17.93 -4.01
N PHE D 68 28.34 18.52 -3.21
CA PHE D 68 28.46 18.16 -1.81
C PHE D 68 29.26 19.16 -1.00
N GLU D 69 29.11 19.09 0.32
CA GLU D 69 29.95 19.84 1.24
C GLU D 69 30.47 18.89 2.31
N GLN D 70 31.54 19.30 2.99
CA GLN D 70 32.21 18.43 3.93
C GLN D 70 32.66 19.20 5.16
N GLY D 71 32.39 18.63 6.34
CA GLY D 71 32.78 19.27 7.58
C GLY D 71 32.11 18.65 8.79
N THR D 72 31.87 19.47 9.81
CA THR D 72 31.33 18.99 11.08
C THR D 72 29.90 19.46 11.28
N TYR D 73 29.03 18.51 11.65
CA TYR D 73 27.64 18.82 11.87
C TYR D 73 27.15 18.23 13.20
N ILE D 74 26.10 18.84 13.74
CA ILE D 74 25.31 18.18 14.76
C ILE D 74 24.07 17.64 14.05
N TYR D 75 23.55 16.53 14.55
CA TYR D 75 22.35 15.94 13.96
C TYR D 75 21.46 15.32 15.04
N PHE D 76 20.18 15.23 14.75
CA PHE D 76 19.24 14.64 15.69
C PHE D 76 18.96 13.19 15.32
N ASP D 77 19.57 12.27 16.06
CA ASP D 77 19.36 10.85 15.85
C ASP D 77 18.02 10.45 16.48
N TYR D 78 17.05 10.09 15.65
CA TYR D 78 15.70 9.83 16.14
C TYR D 78 15.52 8.41 16.69
N GLU D 79 16.54 7.57 16.55
CA GLU D 79 16.49 6.22 17.09
C GLU D 79 16.92 6.24 18.55
N LYS D 80 17.89 7.08 18.86
CA LYS D 80 18.31 7.32 20.22
C LYS D 80 17.51 8.47 20.80
N TRP D 81 16.90 9.25 19.91
CA TRP D 81 16.21 10.47 20.27
C TRP D 81 17.13 11.40 21.03
N GLY D 82 18.19 11.85 20.36
CA GLY D 82 19.15 12.74 20.97
C GLY D 82 20.03 13.44 19.96
N GLN D 83 20.53 14.60 20.32
CA GLN D 83 21.44 15.36 19.47
C GLN D 83 22.84 14.77 19.56
N ARG D 84 23.38 14.39 18.40
CA ARG D 84 24.73 13.85 18.33
C ARG D 84 25.57 14.71 17.38
N LYS D 85 26.82 14.28 17.15
CA LYS D 85 27.77 15.10 16.41
C LYS D 85 28.61 14.25 15.46
N LYS D 86 28.93 14.83 14.30
CA LYS D 86 29.72 14.12 13.29
C LYS D 86 30.85 15.00 12.75
N GLU D 87 32.05 14.41 12.68
CA GLU D 87 33.21 15.11 12.16
C GLU D 87 33.65 14.48 10.85
N GLY D 88 34.18 15.31 9.95
CA GLY D 88 34.60 14.84 8.65
C GLY D 88 33.48 14.12 7.92
N PHE D 89 32.30 14.73 7.93
CA PHE D 89 31.14 14.15 7.29
C PHE D 89 30.92 14.76 5.91
N THR D 90 30.58 13.92 4.95
CA THR D 90 30.24 14.39 3.61
C THR D 90 28.73 14.44 3.43
N PHE D 91 28.18 15.64 3.32
CA PHE D 91 26.76 15.81 3.10
C PHE D 91 26.51 16.00 1.60
N GLU D 92 26.10 14.93 0.93
CA GLU D 92 25.84 14.98 -0.51
C GLU D 92 24.56 15.74 -0.82
N TYR D 93 24.64 16.68 -1.74
CA TYR D 93 23.54 17.58 -2.05
C TYR D 93 22.38 16.87 -2.76
N ARG D 94 22.60 15.65 -3.22
CA ARG D 94 21.55 14.90 -3.88
C ARG D 94 20.56 14.36 -2.85
N TYR D 95 21.01 14.26 -1.60
CA TYR D 95 20.15 13.78 -0.52
C TYR D 95 19.56 14.96 0.23
N LEU D 96 19.33 16.07 -0.47
CA LEU D 96 18.84 17.28 0.15
C LEU D 96 17.47 17.65 -0.40
N GLU D 97 16.60 18.16 0.47
CA GLU D 97 15.21 18.44 0.10
C GLU D 97 15.10 19.42 -1.06
N ASP D 98 15.59 20.63 -0.87
CA ASP D 98 15.49 21.67 -1.89
C ASP D 98 16.80 22.45 -2.02
N ARG D 99 17.44 22.32 -3.18
CA ARG D 99 18.68 23.05 -3.45
C ARG D 99 18.40 24.52 -3.79
N ASP E 7 -20.70 -40.75 -9.39
CA ASP E 7 -21.92 -41.48 -9.07
C ASP E 7 -21.90 -41.98 -7.63
N THR E 8 -20.79 -42.56 -7.22
CA THR E 8 -20.65 -43.11 -5.88
C THR E 8 -20.15 -42.03 -4.93
N VAL E 9 -20.44 -42.19 -3.64
CA VAL E 9 -20.06 -41.20 -2.63
C VAL E 9 -18.56 -41.26 -2.30
N GLU E 10 -17.90 -42.31 -2.78
CA GLU E 10 -16.47 -42.46 -2.59
C GLU E 10 -15.75 -41.51 -3.53
N PHE E 11 -16.43 -41.17 -4.63
CA PHE E 11 -15.90 -40.23 -5.60
C PHE E 11 -15.87 -38.82 -5.01
N TYR E 12 -16.95 -38.45 -4.33
CA TYR E 12 -17.05 -37.12 -3.74
C TYR E 12 -16.08 -36.94 -2.58
N GLN E 13 -15.57 -38.05 -2.05
CA GLN E 13 -14.55 -38.01 -1.02
C GLN E 13 -13.22 -37.52 -1.59
N ARG E 14 -12.93 -37.92 -2.82
CA ARG E 14 -11.74 -37.44 -3.52
C ARG E 14 -11.83 -35.93 -3.69
N LEU E 15 -12.96 -35.48 -4.21
CA LEU E 15 -13.17 -34.08 -4.55
C LEU E 15 -12.67 -33.13 -3.47
N SER E 16 -11.91 -32.12 -3.89
CA SER E 16 -11.43 -31.09 -2.98
C SER E 16 -12.61 -30.37 -2.35
N THR E 17 -12.35 -29.68 -1.24
CA THR E 17 -13.41 -29.06 -0.46
C THR E 17 -14.10 -27.94 -1.24
N GLU E 18 -13.30 -27.10 -1.91
CA GLU E 18 -13.86 -25.98 -2.67
C GLU E 18 -14.81 -26.47 -3.76
N THR E 19 -14.50 -27.62 -4.34
CA THR E 19 -15.37 -28.21 -5.35
C THR E 19 -16.67 -28.69 -4.71
N LEU E 20 -16.56 -29.25 -3.51
CA LEU E 20 -17.75 -29.67 -2.76
C LEU E 20 -18.65 -28.47 -2.49
N PHE E 21 -18.05 -27.36 -2.08
CA PHE E 21 -18.80 -26.14 -1.83
C PHE E 21 -19.53 -25.67 -3.09
N PHE E 22 -18.83 -25.67 -4.23
CA PHE E 22 -19.46 -25.28 -5.49
C PHE E 22 -20.71 -26.10 -5.73
N ILE E 23 -20.56 -27.42 -5.64
CA ILE E 23 -21.68 -28.33 -5.85
C ILE E 23 -22.83 -27.95 -4.92
N PHE E 24 -22.51 -27.78 -3.64
CA PHE E 24 -23.51 -27.54 -2.62
C PHE E 24 -24.32 -26.27 -2.88
N TYR E 25 -23.66 -25.22 -3.35
CA TYR E 25 -24.31 -23.93 -3.50
C TYR E 25 -24.92 -23.66 -4.87
N TYR E 26 -24.47 -24.36 -5.90
CA TYR E 26 -24.87 -24.02 -7.27
C TYR E 26 -25.63 -25.11 -8.01
N LEU E 27 -25.40 -26.37 -7.67
CA LEU E 27 -26.16 -27.48 -8.26
C LEU E 27 -27.38 -27.79 -7.40
N GLU E 28 -28.27 -26.81 -7.27
CA GLU E 28 -29.41 -26.93 -6.35
C GLU E 28 -30.52 -27.81 -6.91
N GLY E 29 -31.04 -28.69 -6.06
CA GLY E 29 -32.08 -29.62 -6.46
C GLY E 29 -31.52 -30.80 -7.21
N THR E 30 -30.27 -31.14 -6.92
CA THR E 30 -29.56 -32.19 -7.64
C THR E 30 -28.97 -33.20 -6.66
N LYS E 31 -28.74 -34.42 -7.14
CA LYS E 31 -28.16 -35.49 -6.32
C LYS E 31 -26.76 -35.14 -5.85
N ALA E 32 -25.94 -34.63 -6.75
CA ALA E 32 -24.56 -34.27 -6.40
C ALA E 32 -24.53 -33.35 -5.18
N GLN E 33 -25.44 -32.38 -5.13
CA GLN E 33 -25.55 -31.48 -4.00
C GLN E 33 -25.78 -32.26 -2.70
N TYR E 34 -26.49 -33.37 -2.81
CA TYR E 34 -26.81 -34.21 -1.66
C TYR E 34 -25.58 -35.02 -1.24
N LEU E 35 -24.88 -35.57 -2.22
CA LEU E 35 -23.67 -36.35 -1.95
C LEU E 35 -22.54 -35.47 -1.44
N ALA E 36 -22.51 -34.21 -1.90
CA ALA E 36 -21.47 -33.27 -1.50
C ALA E 36 -21.65 -32.90 -0.03
N ALA E 37 -22.90 -32.75 0.39
CA ALA E 37 -23.20 -32.45 1.79
C ALA E 37 -22.65 -33.51 2.71
N LYS E 38 -22.82 -34.78 2.33
CA LYS E 38 -22.40 -35.90 3.17
C LYS E 38 -20.87 -36.00 3.22
N ALA E 39 -20.23 -35.86 2.07
CA ALA E 39 -18.77 -35.90 2.00
C ALA E 39 -18.20 -34.87 2.97
N LEU E 40 -18.80 -33.69 2.99
CA LEU E 40 -18.32 -32.61 3.85
C LEU E 40 -18.45 -32.98 5.32
N LYS E 41 -19.60 -33.50 5.71
CA LYS E 41 -19.80 -33.90 7.10
C LYS E 41 -18.74 -34.92 7.52
N LYS E 42 -18.45 -35.86 6.65
CA LYS E 42 -17.47 -36.90 6.94
C LYS E 42 -16.09 -36.29 7.16
N GLN E 43 -15.83 -35.15 6.52
CA GLN E 43 -14.59 -34.44 6.74
C GLN E 43 -14.75 -33.41 7.88
N SER E 44 -15.72 -33.68 8.74
CA SER E 44 -15.95 -32.92 9.98
C SER E 44 -16.28 -31.43 9.77
N TRP E 45 -16.89 -31.11 8.64
CA TRP E 45 -17.50 -29.80 8.46
C TRP E 45 -18.94 -29.90 8.96
N ARG E 46 -19.47 -28.83 9.54
CA ARG E 46 -20.86 -28.79 9.96
C ARG E 46 -21.56 -27.55 9.43
N PHE E 47 -22.81 -27.70 9.03
CA PHE E 47 -23.56 -26.62 8.38
C PHE E 47 -24.35 -25.79 9.39
N HIS E 48 -24.00 -24.52 9.49
CA HIS E 48 -24.71 -23.57 10.35
C HIS E 48 -25.93 -23.04 9.59
N THR E 49 -27.12 -23.40 10.05
CA THR E 49 -28.34 -23.15 9.28
C THR E 49 -28.82 -21.70 9.27
N LYS E 50 -28.33 -20.88 10.20
CA LYS E 50 -28.65 -19.45 10.19
C LYS E 50 -27.73 -18.69 9.24
N TYR E 51 -26.43 -18.86 9.40
CA TYR E 51 -25.46 -18.19 8.55
C TYR E 51 -25.34 -18.85 7.18
N TRP E 54 -20.49 -23.50 6.04
CA TRP E 54 -19.90 -24.67 6.64
C TRP E 54 -18.76 -24.28 7.58
N PHE E 55 -18.79 -24.81 8.79
CA PHE E 55 -17.75 -24.56 9.77
C PHE E 55 -16.97 -25.82 10.07
N GLN E 56 -15.76 -25.63 10.57
CA GLN E 56 -14.92 -26.73 11.00
C GLN E 56 -14.00 -26.23 12.11
N ARG E 57 -13.93 -26.99 13.20
CA ARG E 57 -13.05 -26.64 14.30
C ARG E 57 -11.62 -26.45 13.80
N HIS E 58 -11.05 -25.28 14.06
CA HIS E 58 -9.66 -25.02 13.71
C HIS E 58 -8.79 -25.72 14.74
N GLU E 59 -9.24 -25.68 15.98
CA GLU E 59 -8.55 -26.37 17.08
C GLU E 59 -9.56 -26.75 18.14
N GLU E 60 -9.11 -27.43 19.18
CA GLU E 60 -9.98 -27.81 20.29
C GLU E 60 -10.73 -26.58 20.79
N PRO E 61 -12.06 -26.67 20.87
CA PRO E 61 -12.83 -25.53 21.40
C PRO E 61 -12.51 -25.26 22.86
N LYS E 62 -12.93 -24.10 23.37
CA LYS E 62 -12.68 -23.75 24.76
C LYS E 62 -13.79 -24.30 25.65
N THR E 63 -14.95 -23.66 25.62
CA THR E 63 -16.07 -24.09 26.42
C THR E 63 -17.03 -24.94 25.60
N ILE E 64 -17.46 -26.06 26.19
CA ILE E 64 -18.48 -26.92 25.60
C ILE E 64 -19.59 -27.18 26.60
N THR E 65 -20.83 -26.96 26.18
CA THR E 65 -22.00 -27.30 26.98
C THR E 65 -22.92 -28.15 26.13
N ASP E 66 -24.16 -28.30 26.55
CA ASP E 66 -25.14 -29.08 25.80
C ASP E 66 -25.82 -28.22 24.75
N GLU E 67 -25.69 -26.90 24.87
CA GLU E 67 -26.36 -25.98 23.96
C GLU E 67 -25.41 -25.36 22.91
N PHE E 68 -24.11 -25.36 23.20
CA PHE E 68 -23.18 -24.65 22.34
C PHE E 68 -21.71 -24.97 22.63
N GLU E 69 -20.84 -24.61 21.69
CA GLU E 69 -19.40 -24.65 21.91
C GLU E 69 -18.79 -23.32 21.48
N GLN E 70 -17.71 -22.95 22.15
CA GLN E 70 -16.99 -21.71 21.85
C GLN E 70 -15.57 -22.05 21.44
N GLY E 71 -15.05 -21.33 20.45
CA GLY E 71 -13.67 -21.52 20.04
C GLY E 71 -13.37 -20.95 18.67
N THR E 72 -12.33 -21.49 18.05
CA THR E 72 -11.86 -20.99 16.78
C THR E 72 -12.24 -21.93 15.65
N TYR E 73 -12.80 -21.37 14.59
CA TYR E 73 -13.27 -22.17 13.47
C TYR E 73 -12.82 -21.57 12.15
N ILE E 74 -12.68 -22.43 11.14
CA ILE E 74 -12.56 -21.97 9.77
C ILE E 74 -13.91 -22.18 9.11
N TYR E 75 -14.29 -21.27 8.23
CA TYR E 75 -15.57 -21.39 7.54
C TYR E 75 -15.43 -20.92 6.10
N PHE E 76 -16.34 -21.38 5.24
CA PHE E 76 -16.33 -20.95 3.86
C PHE E 76 -17.41 -19.91 3.62
N ASP E 77 -16.99 -18.67 3.45
CA ASP E 77 -17.90 -17.58 3.10
C ASP E 77 -18.19 -17.67 1.61
N TYR E 78 -19.43 -18.01 1.27
CA TYR E 78 -19.82 -18.24 -0.11
C TYR E 78 -19.97 -16.93 -0.89
N GLU E 79 -20.16 -15.83 -0.18
CA GLU E 79 -20.24 -14.52 -0.82
C GLU E 79 -18.85 -14.07 -1.27
N LYS E 80 -17.86 -14.25 -0.40
CA LYS E 80 -16.48 -13.96 -0.75
C LYS E 80 -15.88 -15.09 -1.58
N TRP E 81 -16.55 -16.24 -1.55
CA TRP E 81 -16.02 -17.47 -2.11
C TRP E 81 -14.59 -17.75 -1.64
N GLY E 82 -14.43 -17.91 -0.34
CA GLY E 82 -13.12 -18.18 0.24
C GLY E 82 -13.20 -18.71 1.65
N GLN E 83 -12.16 -19.45 2.05
CA GLN E 83 -12.06 -19.94 3.41
C GLN E 83 -11.57 -18.83 4.32
N ARG E 84 -12.20 -18.68 5.48
CA ARG E 84 -11.85 -17.64 6.43
C ARG E 84 -11.79 -18.21 7.85
N LYS E 85 -11.29 -17.43 8.79
CA LYS E 85 -11.11 -17.88 10.16
C LYS E 85 -11.85 -16.97 11.14
N LYS E 86 -12.56 -17.59 12.09
CA LYS E 86 -13.27 -16.85 13.13
C LYS E 86 -12.78 -17.29 14.50
N GLU E 87 -12.52 -16.32 15.38
CA GLU E 87 -12.05 -16.62 16.72
C GLU E 87 -13.08 -16.20 17.75
N GLY E 88 -13.11 -16.91 18.88
CA GLY E 88 -14.07 -16.62 19.93
C GLY E 88 -15.49 -16.65 19.38
N PHE E 89 -15.77 -17.64 18.55
CA PHE E 89 -17.07 -17.79 17.94
C PHE E 89 -17.91 -18.80 18.72
N THR E 90 -19.18 -18.46 18.94
CA THR E 90 -20.10 -19.34 19.62
C THR E 90 -20.99 -20.06 18.61
N PHE E 91 -20.83 -21.38 18.52
CA PHE E 91 -21.67 -22.19 17.65
C PHE E 91 -22.76 -22.85 18.47
N GLU E 92 -23.99 -22.39 18.31
CA GLU E 92 -25.11 -22.94 19.05
C GLU E 92 -25.63 -24.18 18.33
N TYR E 93 -25.75 -25.29 19.06
CA TYR E 93 -26.14 -26.56 18.47
C TYR E 93 -27.56 -26.54 17.89
N ARG E 94 -28.35 -25.54 18.24
CA ARG E 94 -29.70 -25.43 17.70
C ARG E 94 -29.66 -25.03 16.23
N TYR E 95 -28.49 -24.61 15.75
CA TYR E 95 -28.31 -24.25 14.35
C TYR E 95 -27.66 -25.38 13.56
N LEU E 96 -27.63 -26.57 14.16
CA LEU E 96 -27.20 -27.77 13.46
C LEU E 96 -28.40 -28.43 12.79
N GLU E 97 -28.14 -29.41 11.93
CA GLU E 97 -29.21 -30.15 11.25
C GLU E 97 -29.30 -31.57 11.79
N ASP F 7 6.32 19.34 -1.29
CA ASP F 7 5.42 18.38 -1.94
C ASP F 7 4.39 17.84 -0.96
N THR F 8 3.12 18.14 -1.21
CA THR F 8 2.03 17.67 -0.35
C THR F 8 1.73 16.21 -0.66
N VAL F 9 0.72 15.66 0.02
CA VAL F 9 0.34 14.26 -0.16
C VAL F 9 -0.84 14.13 -1.12
N GLU F 10 -1.76 15.08 -1.06
CA GLU F 10 -2.94 15.06 -1.93
C GLU F 10 -2.56 14.96 -3.41
N PHE F 11 -1.41 15.51 -3.77
CA PHE F 11 -0.98 15.53 -5.16
C PHE F 11 -0.43 14.19 -5.60
N TYR F 12 0.23 13.48 -4.68
CA TYR F 12 0.74 12.15 -4.98
C TYR F 12 -0.40 11.18 -5.20
N GLN F 13 -1.56 11.47 -4.61
CA GLN F 13 -2.75 10.66 -4.80
C GLN F 13 -3.24 10.78 -6.23
N ARG F 14 -3.04 11.97 -6.81
CA ARG F 14 -3.52 12.25 -8.16
C ARG F 14 -2.63 11.61 -9.22
N LEU F 15 -1.41 11.23 -8.83
CA LEU F 15 -0.49 10.57 -9.75
C LEU F 15 -1.03 9.20 -10.14
N SER F 16 -0.70 8.76 -11.35
CA SER F 16 -1.09 7.44 -11.80
C SER F 16 -0.22 6.39 -11.12
N THR F 17 -0.68 5.15 -11.09
CA THR F 17 0.05 4.08 -10.43
C THR F 17 1.45 3.88 -11.03
N GLU F 18 1.55 3.95 -12.36
CA GLU F 18 2.82 3.71 -13.03
C GLU F 18 3.87 4.75 -12.62
N THR F 19 3.42 5.98 -12.40
CA THR F 19 4.32 7.05 -12.01
C THR F 19 4.81 6.85 -10.57
N LEU F 20 3.93 6.35 -9.71
CA LEU F 20 4.31 6.05 -8.34
C LEU F 20 5.39 4.99 -8.34
N PHE F 21 5.25 3.99 -9.21
CA PHE F 21 6.24 2.93 -9.30
C PHE F 21 7.58 3.45 -9.79
N PHE F 22 7.56 4.34 -10.79
CA PHE F 22 8.79 4.96 -11.27
C PHE F 22 9.48 5.69 -10.13
N ILE F 23 8.73 6.51 -9.42
CA ILE F 23 9.26 7.26 -8.30
C ILE F 23 9.90 6.30 -7.30
N PHE F 24 9.19 5.21 -7.01
CA PHE F 24 9.65 4.23 -6.04
C PHE F 24 10.97 3.59 -6.44
N TYR F 25 11.06 3.13 -7.68
CA TYR F 25 12.21 2.34 -8.11
C TYR F 25 13.43 3.15 -8.53
N TYR F 26 13.25 4.42 -8.85
CA TYR F 26 14.34 5.20 -9.45
C TYR F 26 14.76 6.45 -8.69
N LEU F 27 13.89 6.98 -7.84
CA LEU F 27 14.28 8.08 -6.96
C LEU F 27 14.63 7.52 -5.58
N GLU F 28 15.53 6.53 -5.56
CA GLU F 28 15.90 5.87 -4.32
C GLU F 28 16.54 6.84 -3.33
N GLY F 29 16.24 6.65 -2.05
CA GLY F 29 16.84 7.45 -0.99
C GLY F 29 16.36 8.88 -0.98
N THR F 30 15.08 9.09 -1.28
CA THR F 30 14.48 10.41 -1.23
C THR F 30 13.15 10.36 -0.51
N LYS F 31 12.47 11.50 -0.41
CA LYS F 31 11.16 11.57 0.22
C LYS F 31 10.09 11.15 -0.77
N ALA F 32 10.24 11.60 -2.01
CA ALA F 32 9.32 11.24 -3.08
C ALA F 32 9.00 9.74 -3.06
N GLN F 33 10.03 8.91 -3.12
CA GLN F 33 9.90 7.47 -3.00
C GLN F 33 9.10 7.08 -1.77
N TYR F 34 9.47 7.67 -0.62
CA TYR F 34 8.80 7.37 0.63
C TYR F 34 7.32 7.76 0.56
N LEU F 35 7.03 8.82 -0.18
CA LEU F 35 5.67 9.32 -0.31
C LEU F 35 4.89 8.50 -1.34
N ALA F 36 5.60 8.00 -2.36
CA ALA F 36 4.98 7.16 -3.37
C ALA F 36 4.55 5.83 -2.74
N ALA F 37 5.44 5.22 -1.98
CA ALA F 37 5.14 3.97 -1.28
C ALA F 37 3.85 4.12 -0.48
N LYS F 38 3.74 5.22 0.25
CA LYS F 38 2.54 5.51 1.03
C LYS F 38 1.31 5.57 0.14
N ALA F 39 1.42 6.25 -1.00
CA ALA F 39 0.29 6.40 -1.92
C ALA F 39 -0.18 5.02 -2.39
N LEU F 40 0.77 4.15 -2.67
CA LEU F 40 0.45 2.80 -3.16
C LEU F 40 -0.31 2.00 -2.11
N LYS F 41 0.11 2.10 -0.85
CA LYS F 41 -0.57 1.38 0.22
C LYS F 41 -1.99 1.90 0.38
N LYS F 42 -2.16 3.21 0.28
CA LYS F 42 -3.48 3.82 0.38
C LYS F 42 -4.43 3.26 -0.70
N GLN F 43 -3.85 2.71 -1.76
CA GLN F 43 -4.63 2.18 -2.87
C GLN F 43 -4.66 0.65 -2.86
N SER F 44 -4.23 0.08 -1.75
CA SER F 44 -4.39 -1.36 -1.53
C SER F 44 -3.25 -2.19 -2.10
N TRP F 45 -2.18 -1.53 -2.53
CA TRP F 45 -0.98 -2.24 -2.93
C TRP F 45 -0.15 -2.54 -1.68
N ARG F 46 0.51 -3.69 -1.67
CA ARG F 46 1.38 -4.06 -0.54
C ARG F 46 2.71 -4.62 -1.03
N PHE F 47 3.78 -4.21 -0.37
CA PHE F 47 5.13 -4.59 -0.80
C PHE F 47 5.58 -5.90 -0.17
N HIS F 48 5.88 -6.87 -1.03
CA HIS F 48 6.45 -8.14 -0.61
C HIS F 48 7.95 -7.94 -0.44
N THR F 49 8.40 -7.89 0.81
CA THR F 49 9.78 -7.51 1.12
C THR F 49 10.81 -8.33 0.35
N LYS F 50 10.49 -9.59 0.08
CA LYS F 50 11.43 -10.50 -0.56
C LYS F 50 11.42 -10.43 -2.09
N TYR F 51 10.25 -10.65 -2.70
CA TYR F 51 10.14 -10.56 -4.15
C TYR F 51 10.47 -9.14 -4.63
N TRP F 54 5.41 -5.00 -5.76
CA TRP F 54 4.14 -4.56 -5.20
C TRP F 54 3.01 -5.48 -5.65
N PHE F 55 2.13 -5.82 -4.72
CA PHE F 55 1.00 -6.70 -5.00
C PHE F 55 -0.32 -6.03 -4.65
N GLN F 56 -1.39 -6.45 -5.31
CA GLN F 56 -2.73 -5.97 -5.00
C GLN F 56 -3.73 -7.11 -5.25
N ARG F 57 -4.71 -7.23 -4.35
CA ARG F 57 -5.76 -8.23 -4.53
C ARG F 57 -6.59 -7.90 -5.75
N HIS F 58 -6.75 -8.89 -6.63
CA HIS F 58 -7.61 -8.73 -7.80
C HIS F 58 -9.05 -9.01 -7.40
N GLU F 59 -9.20 -9.93 -6.46
CA GLU F 59 -10.51 -10.33 -5.96
C GLU F 59 -10.36 -10.78 -4.51
N GLU F 60 -11.46 -11.21 -3.89
CA GLU F 60 -11.37 -11.78 -2.55
C GLU F 60 -10.46 -12.99 -2.61
N PRO F 61 -9.49 -13.08 -1.66
CA PRO F 61 -8.61 -14.24 -1.60
C PRO F 61 -9.40 -15.54 -1.41
N LYS F 62 -8.83 -16.65 -1.87
CA LYS F 62 -9.49 -17.94 -1.73
C LYS F 62 -9.31 -18.49 -0.32
N THR F 63 -8.28 -18.02 0.37
CA THR F 63 -7.97 -18.50 1.70
C THR F 63 -7.18 -17.45 2.47
N ILE F 64 -7.69 -17.08 3.65
CA ILE F 64 -6.96 -16.22 4.56
C ILE F 64 -6.80 -16.93 5.91
N THR F 65 -5.54 -17.15 6.30
CA THR F 65 -5.21 -17.70 7.61
C THR F 65 -4.40 -16.65 8.36
N ASP F 66 -3.92 -17.00 9.54
CA ASP F 66 -3.14 -16.07 10.35
C ASP F 66 -1.80 -15.74 9.71
N GLU F 67 -1.27 -16.68 8.93
CA GLU F 67 0.09 -16.57 8.41
C GLU F 67 0.16 -16.19 6.92
N PHE F 68 -0.92 -16.43 6.18
CA PHE F 68 -0.92 -16.12 4.74
C PHE F 68 -2.32 -15.93 4.15
N GLU F 69 -2.36 -15.29 2.98
CA GLU F 69 -3.56 -15.26 2.15
C GLU F 69 -3.20 -15.75 0.77
N GLN F 70 -4.14 -16.42 0.11
CA GLN F 70 -3.88 -17.04 -1.18
C GLN F 70 -5.00 -16.76 -2.17
N GLY F 71 -4.64 -16.59 -3.43
CA GLY F 71 -5.61 -16.31 -4.47
C GLY F 71 -5.01 -15.57 -5.65
N THR F 72 -5.83 -14.76 -6.31
CA THR F 72 -5.42 -14.06 -7.52
C THR F 72 -5.06 -12.62 -7.22
N TYR F 73 -3.87 -12.21 -7.68
CA TYR F 73 -3.37 -10.86 -7.45
C TYR F 73 -2.85 -10.25 -8.75
N ILE F 74 -2.77 -8.93 -8.78
CA ILE F 74 -1.97 -8.25 -9.79
C ILE F 74 -0.74 -7.66 -9.11
N TYR F 75 0.39 -7.71 -9.79
CA TYR F 75 1.63 -7.17 -9.27
C TYR F 75 2.30 -6.33 -10.35
N PHE F 76 3.16 -5.42 -9.93
CA PHE F 76 3.92 -4.63 -10.90
C PHE F 76 5.27 -5.29 -11.17
N ASP F 77 5.42 -5.82 -12.37
CA ASP F 77 6.67 -6.47 -12.78
C ASP F 77 7.68 -5.42 -13.20
N TYR F 78 8.72 -5.27 -12.39
CA TYR F 78 9.71 -4.23 -12.61
C TYR F 78 10.47 -4.40 -13.92
N GLU F 79 10.89 -5.63 -14.21
CA GLU F 79 11.65 -5.90 -15.43
C GLU F 79 10.85 -5.55 -16.67
N LYS F 80 9.61 -6.05 -16.73
CA LYS F 80 8.72 -5.78 -17.85
C LYS F 80 8.12 -4.38 -17.75
N TRP F 81 8.24 -3.78 -16.58
CA TRP F 81 7.67 -2.47 -16.30
C TRP F 81 6.18 -2.42 -16.66
N GLY F 82 5.40 -3.31 -16.06
CA GLY F 82 3.97 -3.36 -16.29
C GLY F 82 3.23 -4.25 -15.30
N GLN F 83 1.92 -4.07 -15.22
CA GLN F 83 1.09 -4.86 -14.32
C GLN F 83 0.71 -6.19 -14.96
N ARG F 84 0.90 -7.27 -14.21
CA ARG F 84 0.50 -8.60 -14.64
C ARG F 84 -0.34 -9.28 -13.57
N LYS F 85 -1.11 -10.28 -13.97
CA LYS F 85 -1.97 -11.01 -13.06
C LYS F 85 -1.39 -12.37 -12.72
N LYS F 86 -1.47 -12.75 -11.45
CA LYS F 86 -0.93 -14.02 -10.99
C LYS F 86 -2.01 -14.80 -10.23
N GLU F 87 -2.31 -16.00 -10.72
CA GLU F 87 -3.26 -16.87 -10.05
C GLU F 87 -2.52 -17.86 -9.17
N GLY F 88 -3.17 -18.28 -8.08
CA GLY F 88 -2.59 -19.27 -7.18
C GLY F 88 -1.32 -18.77 -6.51
N PHE F 89 -1.32 -17.51 -6.12
CA PHE F 89 -0.19 -16.94 -5.40
C PHE F 89 -0.44 -16.95 -3.90
N THR F 90 0.59 -17.29 -3.13
CA THR F 90 0.53 -17.22 -1.68
C THR F 90 1.36 -16.06 -1.16
N PHE F 91 0.70 -15.12 -0.51
CA PHE F 91 1.39 -14.00 0.11
C PHE F 91 1.52 -14.27 1.61
N GLU F 92 2.70 -14.70 2.05
CA GLU F 92 2.93 -14.96 3.47
C GLU F 92 3.19 -13.66 4.23
N TYR F 93 2.52 -13.49 5.36
CA TYR F 93 2.57 -12.25 6.12
C TYR F 93 3.94 -11.95 6.73
N ARG F 94 4.78 -12.97 6.87
CA ARG F 94 6.13 -12.74 7.39
C ARG F 94 6.91 -11.94 6.37
N TYR F 95 6.65 -12.19 5.09
CA TYR F 95 7.31 -11.50 4.00
C TYR F 95 6.76 -10.09 3.82
N LEU F 96 5.72 -9.75 4.57
CA LEU F 96 5.14 -8.42 4.52
C LEU F 96 5.84 -7.50 5.50
N GLU F 97 5.91 -6.21 5.17
CA GLU F 97 6.64 -5.23 5.97
C GLU F 97 6.00 -5.02 7.35
N ASP F 98 4.74 -4.59 7.34
CA ASP F 98 4.07 -4.20 8.57
C ASP F 98 3.57 -5.40 9.38
N ARG F 99 4.31 -5.72 10.44
CA ARG F 99 3.92 -6.80 11.35
C ARG F 99 3.63 -8.10 10.62
#